data_4ZV8
#
_entry.id   4ZV8
#
_cell.length_a   77.240
_cell.length_b   77.240
_cell.length_c   204.250
_cell.angle_alpha   90.00
_cell.angle_beta   90.00
_cell.angle_gamma   120.00
#
_symmetry.space_group_name_H-M   'P 32 2 1'
#
loop_
_entity.id
_entity.type
_entity.pdbx_description
1 polymer 'Cytochrome P450 2B6'
2 non-polymer 'PROTOPORPHYRIN IX CONTAINING FE'
3 non-polymer (+)-alpha-Pinene
4 non-polymer 5-CYCLOHEXYL-1-PENTYL-BETA-D-MALTOSIDE
5 water water
#
_entity_poly.entity_id   1
_entity_poly.type   'polypeptide(L)'
_entity_poly.pdbx_seq_one_letter_code
;MAKKTSSKGKLPPGPRPLPLLGNLLQMDRRGLLKSFLRFREKYGDVFTVHLGPRPVVMLCGVEAIREALVDKAEAFSGRG
KIAMVDPFFRGYGVIFANGNRWKVLRRFSVTTMRDFGMGKRSVEERIQEEAQCLIEELRKSKGALMDPTFLFQSITANII
CSIVFGKRFHYQDQEFLKMLNLFYQTFSLISSVFGQLFELFSGFLKHFPGAHRQVYKNLQEINAWIGHSVEKHRETLDPS
APRDLIDTYLLHMEKEKSNAHSEFSHQNLNLNTLSLFFAGTETTSTTLRYGFLLMLKYPHVAERVYREIEQVIGPHRPPE
LHDRAKMPYTEAVIYEIQRFSDLLPMGVPHIVTQHTSFRGYIIPKDTEVFLILSTALHDPHYFEKPDAFNPDHFLDANGA
LKKTEAFIPFSLGKRICLGEGIARAELFLFFTTILQNFSMASPVAPEDIDLTPQECGVGKIPPTYQIRFLPRHHHH
;
_entity_poly.pdbx_strand_id   A
#
loop_
_chem_comp.id
_chem_comp.type
_chem_comp.name
_chem_comp.formula
CM5 non-polymer 5-CYCLOHEXYL-1-PENTYL-BETA-D-MALTOSIDE 'C23 H42 O11'
HEM non-polymer 'PROTOPORPHYRIN IX CONTAINING FE' 'C34 H32 Fe N4 O4'
TMH non-polymer (+)-alpha-Pinene 'C10 H16'
#
# COMPACT_ATOMS: atom_id res chain seq x y z
N GLY A 9 12.79 14.52 -29.40
CA GLY A 9 12.16 14.02 -30.61
C GLY A 9 11.91 12.53 -30.56
N LYS A 10 12.19 11.93 -29.41
CA LYS A 10 11.99 10.52 -29.24
C LYS A 10 11.87 10.11 -27.76
N LEU A 11 11.63 8.84 -27.55
CA LEU A 11 11.49 8.33 -26.23
C LEU A 11 12.83 8.32 -25.60
N PRO A 12 12.90 8.25 -24.29
CA PRO A 12 14.18 8.12 -23.63
C PRO A 12 14.90 6.91 -24.16
N PRO A 13 16.21 6.94 -24.09
CA PRO A 13 17.05 5.85 -24.55
C PRO A 13 16.91 4.66 -23.64
N GLY A 14 17.31 3.49 -24.07
CA GLY A 14 17.26 2.35 -23.21
C GLY A 14 17.78 1.15 -23.91
N PRO A 15 17.75 0.00 -23.29
CA PRO A 15 18.33 -1.18 -23.95
C PRO A 15 17.59 -1.53 -25.28
N ARG A 16 18.35 -2.00 -26.27
CA ARG A 16 17.83 -2.25 -27.61
C ARG A 16 16.92 -3.49 -27.57
N PRO A 17 15.65 -3.34 -27.97
CA PRO A 17 14.63 -4.42 -27.88
C PRO A 17 14.64 -5.38 -29.09
N LEU A 18 14.17 -6.60 -28.88
CA LEU A 18 13.83 -7.52 -29.97
C LEU A 18 12.34 -7.37 -30.31
N PRO A 19 11.91 -7.88 -31.43
CA PRO A 19 10.49 -7.90 -31.71
C PRO A 19 9.90 -9.02 -30.91
N LEU A 20 8.70 -8.82 -30.40
CA LEU A 20 8.09 -9.85 -29.65
C LEU A 20 8.53 -9.92 -28.22
N LEU A 21 9.80 -10.16 -27.99
CA LEU A 21 10.27 -10.36 -26.65
C LEU A 21 10.61 -9.09 -25.89
N GLY A 22 10.54 -7.95 -26.52
CA GLY A 22 11.01 -6.76 -25.88
C GLY A 22 12.43 -6.89 -25.39
N ASN A 23 12.67 -6.46 -24.17
CA ASN A 23 13.97 -6.44 -23.56
C ASN A 23 14.13 -7.60 -22.65
N LEU A 24 13.39 -8.64 -22.90
CA LEU A 24 13.49 -9.85 -22.13
C LEU A 24 14.91 -10.32 -21.94
N LEU A 25 15.72 -10.30 -23.00
CA LEU A 25 17.00 -11.01 -22.85
C LEU A 25 18.01 -10.24 -22.04
N GLN A 26 17.74 -8.94 -21.90
CA GLN A 26 18.52 -8.09 -21.03
C GLN A 26 17.99 -7.94 -19.60
N MET A 27 16.92 -8.66 -19.23
CA MET A 27 16.36 -8.59 -17.85
C MET A 27 17.18 -9.40 -16.88
N ASP A 28 17.01 -9.12 -15.58
CA ASP A 28 17.66 -9.86 -14.52
C ASP A 28 16.67 -10.81 -13.94
N ARG A 29 17.17 -11.99 -13.58
CA ARG A 29 16.39 -13.18 -13.15
C ARG A 29 15.70 -12.93 -11.82
N ARG A 30 16.24 -12.00 -11.04
CA ARG A 30 15.72 -11.64 -9.74
C ARG A 30 14.50 -10.72 -9.71
N GLY A 31 13.97 -10.33 -10.86
CA GLY A 31 12.80 -9.48 -10.87
C GLY A 31 12.88 -8.19 -11.67
N LEU A 32 11.73 -7.59 -11.85
CA LEU A 32 11.65 -6.36 -12.59
C LEU A 32 12.47 -5.26 -11.94
N LEU A 33 12.33 -5.09 -10.63
CA LEU A 33 12.99 -3.97 -10.01
C LEU A 33 14.53 -4.07 -10.21
N LYS A 34 15.12 -5.25 -9.93
CA LYS A 34 16.53 -5.45 -10.22
C LYS A 34 16.87 -5.11 -11.70
N SER A 35 15.96 -5.49 -12.63
CA SER A 35 16.25 -5.29 -14.02
C SER A 35 16.38 -3.82 -14.25
N PHE A 36 15.42 -3.05 -13.69
CA PHE A 36 15.41 -1.62 -13.95
C PHE A 36 16.57 -0.88 -13.27
N LEU A 37 17.00 -1.37 -12.10
CA LEU A 37 18.15 -0.77 -11.41
C LEU A 37 19.47 -0.98 -12.22
N ARG A 38 19.63 -2.12 -12.91
CA ARG A 38 20.83 -2.27 -13.79
C ARG A 38 20.75 -1.36 -14.99
N PHE A 39 19.56 -1.21 -15.58
CA PHE A 39 19.36 -0.25 -16.63
C PHE A 39 19.67 1.18 -16.16
N ARG A 40 19.27 1.50 -14.95
CA ARG A 40 19.51 2.83 -14.46
C ARG A 40 21.05 3.09 -14.40
N GLU A 41 21.83 2.08 -13.97
CA GLU A 41 23.32 2.21 -13.96
C GLU A 41 23.84 2.72 -15.30
N LYS A 42 23.32 2.19 -16.40
CA LYS A 42 23.85 2.53 -17.71
C LYS A 42 23.16 3.73 -18.32
N TYR A 43 21.84 3.82 -18.17
CA TYR A 43 21.10 4.84 -18.87
C TYR A 43 20.82 6.09 -18.02
N GLY A 44 21.03 6.02 -16.70
CA GLY A 44 20.60 7.15 -15.83
C GLY A 44 19.10 7.07 -15.42
N ASP A 45 18.54 8.20 -15.03
CA ASP A 45 17.26 8.26 -14.33
C ASP A 45 15.96 8.24 -15.20
N VAL A 46 16.09 8.45 -16.50
CA VAL A 46 14.94 8.47 -17.40
C VAL A 46 15.25 7.55 -18.56
N PHE A 47 14.67 6.36 -18.59
CA PHE A 47 14.94 5.38 -19.66
C PHE A 47 13.66 4.60 -20.11
N THR A 48 13.76 3.97 -21.26
CA THR A 48 12.71 3.16 -21.82
C THR A 48 13.03 1.70 -21.74
N VAL A 49 12.08 0.91 -21.30
CA VAL A 49 12.18 -0.53 -21.32
C VAL A 49 10.95 -1.07 -22.02
N HIS A 50 11.15 -2.06 -22.86
CA HIS A 50 10.06 -2.71 -23.54
C HIS A 50 9.75 -3.92 -22.78
N LEU A 51 8.55 -3.94 -22.25
CA LEU A 51 8.03 -5.03 -21.47
C LEU A 51 7.14 -5.76 -22.43
N GLY A 52 7.62 -6.86 -22.95
CA GLY A 52 7.01 -7.47 -24.12
C GLY A 52 6.78 -6.52 -25.28
N PRO A 53 5.53 -6.37 -25.59
CA PRO A 53 5.08 -5.63 -26.75
C PRO A 53 5.03 -4.11 -26.61
N ARG A 54 5.25 -3.52 -25.46
CA ARG A 54 5.14 -2.07 -25.24
C ARG A 54 6.36 -1.41 -24.58
N PRO A 55 6.52 -0.13 -24.84
CA PRO A 55 7.52 0.66 -24.15
C PRO A 55 6.98 1.15 -22.84
N VAL A 56 7.78 1.08 -21.81
CA VAL A 56 7.48 1.71 -20.55
C VAL A 56 8.61 2.64 -20.18
N VAL A 57 8.30 3.89 -19.95
CA VAL A 57 9.27 4.84 -19.44
C VAL A 57 9.44 4.68 -17.91
N MET A 58 10.67 4.50 -17.46
CA MET A 58 11.02 4.45 -16.03
C MET A 58 11.57 5.81 -15.61
N LEU A 59 10.94 6.39 -14.56
CA LEU A 59 11.45 7.60 -13.84
C LEU A 59 12.05 7.25 -12.45
N CYS A 60 13.35 7.49 -12.27
CA CYS A 60 14.05 7.21 -11.01
C CYS A 60 14.50 8.47 -10.32
N GLY A 61 14.51 8.41 -8.98
CA GLY A 61 15.06 9.48 -8.16
C GLY A 61 13.98 10.48 -7.89
N VAL A 62 14.05 11.17 -6.73
CA VAL A 62 12.96 12.07 -6.35
C VAL A 62 12.82 13.25 -7.26
N GLU A 63 13.92 13.72 -7.86
CA GLU A 63 13.81 14.91 -8.74
C GLU A 63 12.96 14.62 -10.00
N ALA A 64 13.26 13.52 -10.71
CA ALA A 64 12.55 13.16 -11.92
C ALA A 64 11.09 12.80 -11.56
N ILE A 65 10.88 12.09 -10.44
CA ILE A 65 9.53 11.61 -10.07
C ILE A 65 8.67 12.82 -9.77
N ARG A 66 9.21 13.72 -8.93
CA ARG A 66 8.53 14.97 -8.60
C ARG A 66 8.31 15.90 -9.83
N GLU A 67 9.30 15.96 -10.73
CA GLU A 67 9.12 16.80 -11.90
C GLU A 67 7.94 16.29 -12.74
N ALA A 68 7.82 14.96 -12.86
CA ALA A 68 6.72 14.35 -13.60
C ALA A 68 5.38 14.44 -12.84
N LEU A 69 5.34 14.06 -11.55
CA LEU A 69 4.05 13.90 -10.88
C LEU A 69 3.50 15.24 -10.34
N VAL A 70 4.39 16.15 -9.95
CA VAL A 70 3.98 17.49 -9.47
C VAL A 70 4.04 18.61 -10.54
N ASP A 71 5.19 18.85 -11.18
CA ASP A 71 5.26 19.92 -12.23
C ASP A 71 4.59 19.59 -13.56
N LYS A 72 4.55 18.33 -13.99
CA LYS A 72 3.72 17.95 -15.14
C LYS A 72 2.47 17.05 -14.81
N ALA A 73 1.75 17.32 -13.72
CA ALA A 73 0.51 16.56 -13.39
C ALA A 73 -0.54 16.57 -14.51
N GLU A 74 -0.59 17.64 -15.29
CA GLU A 74 -1.52 17.61 -16.42
C GLU A 74 -1.18 16.44 -17.35
N ALA A 75 0.03 15.90 -17.24
CA ALA A 75 0.39 14.88 -18.21
C ALA A 75 0.54 13.50 -17.58
N PHE A 76 1.08 13.43 -16.36
CA PHE A 76 1.49 12.16 -15.77
C PHE A 76 0.51 11.52 -14.80
N SER A 77 -0.72 12.06 -14.77
CA SER A 77 -1.67 11.61 -13.76
C SER A 77 -2.65 10.50 -14.18
N GLY A 78 -2.33 9.78 -15.25
CA GLY A 78 -3.19 8.73 -15.77
C GLY A 78 -2.74 7.46 -15.10
N ARG A 79 -3.58 6.42 -15.12
CA ARG A 79 -3.24 5.19 -14.45
C ARG A 79 -3.06 4.08 -15.50
N GLY A 80 -1.97 3.31 -15.42
CA GLY A 80 -1.71 2.19 -16.31
C GLY A 80 -2.30 0.94 -15.70
N LYS A 81 -2.08 -0.21 -16.29
CA LYS A 81 -2.76 -1.40 -15.79
C LYS A 81 -1.78 -2.24 -15.07
N ILE A 82 -2.26 -3.11 -14.16
CA ILE A 82 -1.38 -4.15 -13.66
C ILE A 82 -1.92 -5.40 -14.33
N ALA A 83 -1.12 -6.01 -15.20
CA ALA A 83 -1.65 -7.05 -16.07
C ALA A 83 -2.39 -8.12 -15.30
N MET A 84 -1.85 -8.54 -14.16
CA MET A 84 -2.45 -9.55 -13.28
C MET A 84 -3.86 -9.25 -12.66
N VAL A 85 -4.27 -7.98 -12.53
CA VAL A 85 -5.58 -7.77 -11.94
C VAL A 85 -6.45 -6.97 -12.87
N ASP A 86 -5.89 -6.42 -13.94
CA ASP A 86 -6.74 -5.73 -14.94
C ASP A 86 -7.97 -6.56 -15.44
N PRO A 87 -7.77 -7.87 -15.69
CA PRO A 87 -8.93 -8.61 -16.25
C PRO A 87 -10.09 -8.53 -15.30
N PHE A 88 -9.78 -8.29 -14.00
CA PHE A 88 -10.86 -8.15 -13.02
C PHE A 88 -11.33 -6.70 -12.87
N PHE A 89 -10.44 -5.75 -12.66
CA PHE A 89 -10.87 -4.40 -12.41
C PHE A 89 -11.38 -3.65 -13.64
N ARG A 90 -10.77 -3.85 -14.77
CA ARG A 90 -11.22 -3.26 -16.00
C ARG A 90 -11.48 -1.78 -15.97
N GLY A 91 -10.65 -1.04 -15.25
CA GLY A 91 -10.84 0.37 -15.14
C GLY A 91 -11.94 0.83 -14.23
N TYR A 92 -12.59 -0.07 -13.52
CA TYR A 92 -13.59 0.32 -12.55
C TYR A 92 -12.95 0.54 -11.18
N GLY A 93 -13.51 1.40 -10.35
CA GLY A 93 -12.94 1.64 -9.03
C GLY A 93 -11.90 2.77 -9.08
N VAL A 94 -11.71 3.45 -7.96
CA VAL A 94 -10.83 4.63 -7.94
C VAL A 94 -9.36 4.30 -8.29
N ILE A 95 -8.83 3.16 -7.86
CA ILE A 95 -7.41 2.83 -8.14
C ILE A 95 -7.19 2.75 -9.66
N PHE A 96 -8.11 2.12 -10.38
CA PHE A 96 -7.78 1.78 -11.74
C PHE A 96 -8.51 2.63 -12.75
N ALA A 97 -9.26 3.61 -12.24
CA ALA A 97 -10.08 4.45 -13.12
C ALA A 97 -9.23 5.52 -13.76
N ASN A 98 -9.72 6.05 -14.88
CA ASN A 98 -9.10 7.16 -15.57
C ASN A 98 -10.15 8.24 -15.86
N GLY A 99 -9.69 9.36 -16.36
CA GLY A 99 -10.51 10.41 -16.85
C GLY A 99 -11.65 10.77 -15.92
N ASN A 100 -12.81 11.02 -16.50
CA ASN A 100 -13.86 11.57 -15.70
C ASN A 100 -14.21 10.62 -14.61
N ARG A 101 -14.19 9.31 -14.85
CA ARG A 101 -14.54 8.35 -13.83
C ARG A 101 -13.63 8.49 -12.60
N TRP A 102 -12.33 8.67 -12.85
CA TRP A 102 -11.44 8.84 -11.72
C TRP A 102 -11.79 10.15 -10.97
N LYS A 103 -12.02 11.22 -11.70
CA LYS A 103 -12.39 12.47 -11.09
C LYS A 103 -13.55 12.31 -10.12
N VAL A 104 -14.61 11.65 -10.55
CA VAL A 104 -15.82 11.49 -9.73
C VAL A 104 -15.52 10.57 -8.56
N LEU A 105 -14.93 9.39 -8.84
CA LEU A 105 -14.68 8.42 -7.78
C LEU A 105 -13.64 8.87 -6.79
N ARG A 106 -12.59 9.53 -7.27
CA ARG A 106 -11.62 10.13 -6.35
C ARG A 106 -12.28 11.10 -5.35
N ARG A 107 -12.97 12.12 -5.90
CA ARG A 107 -13.72 13.15 -5.13
C ARG A 107 -14.65 12.48 -4.13
N PHE A 108 -15.41 11.50 -4.61
CA PHE A 108 -16.33 10.72 -3.76
C PHE A 108 -15.62 9.95 -2.65
N SER A 109 -14.62 9.13 -2.98
CA SER A 109 -14.00 8.34 -1.96
C SER A 109 -13.32 9.29 -0.92
N VAL A 110 -12.60 10.30 -1.34
CA VAL A 110 -11.93 11.15 -0.38
C VAL A 110 -12.94 11.78 0.56
N THR A 111 -13.95 12.39 -0.01
CA THR A 111 -14.93 13.15 0.70
C THR A 111 -15.76 12.35 1.66
N THR A 112 -16.20 11.18 1.27
CA THR A 112 -17.06 10.40 2.13
C THR A 112 -16.29 9.64 3.17
N MET A 113 -15.02 9.42 2.97
CA MET A 113 -14.23 8.83 3.99
C MET A 113 -14.10 9.83 5.14
N ARG A 114 -13.94 11.10 4.79
CA ARG A 114 -13.94 12.22 5.73
C ARG A 114 -15.28 12.41 6.45
N ASP A 115 -16.39 12.30 5.72
CA ASP A 115 -17.74 12.30 6.25
C ASP A 115 -17.83 11.43 7.47
N PHE A 116 -17.33 10.24 7.31
CA PHE A 116 -17.42 9.25 8.35
C PHE A 116 -16.13 9.02 9.06
N GLY A 117 -15.36 10.09 9.29
CA GLY A 117 -14.24 10.02 10.19
C GLY A 117 -12.83 10.35 9.74
N MET A 118 -12.48 10.08 8.48
CA MET A 118 -11.08 10.15 8.10
C MET A 118 -10.42 11.48 8.43
N GLY A 119 -9.33 11.48 9.20
CA GLY A 119 -8.71 12.75 9.53
C GLY A 119 -9.50 13.60 10.51
N LYS A 120 -10.45 12.97 11.18
CA LYS A 120 -11.18 13.59 12.24
C LYS A 120 -10.94 12.77 13.49
N ARG A 121 -11.45 13.24 14.60
CA ARG A 121 -11.39 12.53 15.86
C ARG A 121 -12.01 11.14 15.74
N SER A 122 -13.02 11.02 14.89
CA SER A 122 -13.72 9.79 14.79
C SER A 122 -12.85 8.65 14.36
N VAL A 123 -12.04 8.82 13.34
CA VAL A 123 -11.19 7.73 12.97
C VAL A 123 -10.07 7.44 13.98
N GLU A 124 -9.60 8.43 14.71
CA GLU A 124 -8.62 8.24 15.73
C GLU A 124 -9.18 7.38 16.80
N GLU A 125 -10.38 7.67 17.18
CA GLU A 125 -11.16 6.88 18.15
C GLU A 125 -11.35 5.46 17.67
N ARG A 126 -11.64 5.30 16.39
CA ARG A 126 -11.81 3.95 15.84
C ARG A 126 -10.50 3.20 15.92
N ILE A 127 -9.42 3.89 15.59
CA ILE A 127 -8.10 3.28 15.69
C ILE A 127 -7.75 2.92 17.12
N GLN A 128 -7.97 3.86 18.06
CA GLN A 128 -7.70 3.58 19.47
C GLN A 128 -8.53 2.46 20.00
N GLU A 129 -9.82 2.40 19.62
CA GLU A 129 -10.66 1.30 20.06
C GLU A 129 -10.11 -0.01 19.51
N GLU A 130 -9.75 -0.01 18.20
CA GLU A 130 -9.26 -1.24 17.57
C GLU A 130 -7.95 -1.70 18.21
N ALA A 131 -7.08 -0.76 18.59
CA ALA A 131 -5.83 -1.09 19.31
C ALA A 131 -6.12 -1.73 20.66
N GLN A 132 -7.18 -1.26 21.38
CA GLN A 132 -7.59 -1.91 22.64
C GLN A 132 -8.08 -3.33 22.39
N CYS A 133 -8.87 -3.54 21.34
CA CYS A 133 -9.22 -4.94 20.95
C CYS A 133 -7.98 -5.78 20.65
N LEU A 134 -7.03 -5.22 19.88
CA LEU A 134 -5.80 -6.00 19.62
C LEU A 134 -5.10 -6.43 20.92
N ILE A 135 -4.99 -5.49 21.85
CA ILE A 135 -4.20 -5.70 23.04
C ILE A 135 -4.84 -6.77 23.90
N GLU A 136 -6.16 -6.65 24.05
CA GLU A 136 -6.94 -7.67 24.73
C GLU A 136 -6.72 -9.01 24.02
N GLU A 137 -6.77 -9.00 22.70
CA GLU A 137 -6.47 -10.25 21.95
C GLU A 137 -5.02 -10.76 22.22
N LEU A 138 -4.04 -9.87 22.26
CA LEU A 138 -2.69 -10.37 22.48
C LEU A 138 -2.46 -10.87 23.91
N ARG A 139 -3.11 -10.21 24.90
CA ARG A 139 -3.18 -10.73 26.26
C ARG A 139 -3.74 -12.14 26.31
N LYS A 140 -4.83 -12.39 25.63
CA LYS A 140 -5.40 -13.71 25.66
C LYS A 140 -4.50 -14.76 25.08
N SER A 141 -3.56 -14.38 24.25
CA SER A 141 -2.66 -15.34 23.68
C SER A 141 -1.58 -15.81 24.62
N LYS A 142 -1.38 -15.07 25.71
CA LYS A 142 -0.47 -15.50 26.77
C LYS A 142 0.90 -15.92 26.27
N GLY A 143 1.55 -15.04 25.52
CA GLY A 143 2.88 -15.26 25.05
C GLY A 143 3.06 -16.42 24.13
N ALA A 144 2.01 -16.94 23.53
CA ALA A 144 2.18 -18.02 22.53
C ALA A 144 2.81 -17.47 21.21
N LEU A 145 3.52 -18.33 20.50
CA LEU A 145 4.02 -18.02 19.18
C LEU A 145 2.90 -17.96 18.13
N MET A 146 2.89 -16.92 17.31
CA MET A 146 1.91 -16.82 16.22
C MET A 146 2.66 -16.20 15.04
N ASP A 147 2.17 -16.43 13.82
CA ASP A 147 2.42 -15.54 12.72
C ASP A 147 1.38 -14.42 12.80
N PRO A 148 1.83 -13.17 13.02
CA PRO A 148 0.89 -12.10 13.36
C PRO A 148 0.21 -11.53 12.14
N THR A 149 0.41 -12.12 10.97
CA THR A 149 -0.12 -11.54 9.73
C THR A 149 -1.62 -11.32 9.85
N PHE A 150 -2.31 -12.35 10.29
CA PHE A 150 -3.77 -12.27 10.47
C PHE A 150 -4.21 -11.12 11.39
N LEU A 151 -3.61 -10.94 12.57
CA LEU A 151 -3.99 -9.82 13.39
C LEU A 151 -3.66 -8.45 12.79
N PHE A 152 -2.49 -8.34 12.09
CA PHE A 152 -2.12 -7.04 11.51
C PHE A 152 -3.13 -6.72 10.40
N GLN A 153 -3.58 -7.73 9.63
CA GLN A 153 -4.63 -7.48 8.60
C GLN A 153 -5.98 -7.17 9.25
N SER A 154 -6.34 -7.92 10.30
CA SER A 154 -7.61 -7.66 11.00
C SER A 154 -7.74 -6.23 11.48
N ILE A 155 -6.68 -5.68 12.08
CA ILE A 155 -6.83 -4.36 12.71
C ILE A 155 -6.93 -3.28 11.64
N THR A 156 -6.17 -3.45 10.54
CA THR A 156 -6.18 -2.46 9.51
C THR A 156 -7.47 -2.67 8.73
N ALA A 157 -7.87 -3.93 8.55
CA ALA A 157 -9.12 -4.15 7.84
C ALA A 157 -10.28 -3.55 8.62
N ASN A 158 -10.26 -3.62 9.95
CA ASN A 158 -11.40 -3.11 10.73
C ASN A 158 -11.50 -1.63 10.73
N ILE A 159 -10.39 -0.92 10.50
CA ILE A 159 -10.50 0.51 10.34
C ILE A 159 -11.28 0.87 9.05
N ILE A 160 -10.89 0.30 7.92
CA ILE A 160 -11.52 0.69 6.66
C ILE A 160 -12.95 0.12 6.65
N CYS A 161 -13.12 -1.07 7.19
CA CYS A 161 -14.48 -1.61 7.44
C CYS A 161 -15.45 -0.71 8.17
N SER A 162 -15.00 -0.04 9.23
CA SER A 162 -15.92 0.76 9.98
C SER A 162 -16.38 1.91 9.09
N ILE A 163 -15.53 2.42 8.20
CA ILE A 163 -15.91 3.50 7.32
C ILE A 163 -16.80 3.02 6.12
N VAL A 164 -16.52 1.86 5.59
CA VAL A 164 -17.09 1.41 4.35
C VAL A 164 -18.39 0.61 4.64
N PHE A 165 -18.34 -0.34 5.57
CA PHE A 165 -19.43 -1.28 5.80
C PHE A 165 -20.19 -0.95 7.06
N GLY A 166 -19.77 0.09 7.78
CA GLY A 166 -20.38 0.48 9.04
C GLY A 166 -20.14 -0.44 10.23
N LYS A 167 -19.07 -1.25 10.23
CA LYS A 167 -18.87 -2.23 11.31
C LYS A 167 -17.41 -2.75 11.39
N ARG A 168 -17.12 -3.50 12.44
CA ARG A 168 -15.86 -4.21 12.54
C ARG A 168 -16.23 -5.68 12.65
N PHE A 169 -15.24 -6.56 12.39
CA PHE A 169 -15.38 -7.99 12.54
C PHE A 169 -14.50 -8.46 13.67
N HIS A 170 -14.89 -9.58 14.25
CA HIS A 170 -14.25 -10.12 15.41
C HIS A 170 -13.10 -10.87 14.83
N TYR A 171 -12.01 -10.91 15.56
CA TYR A 171 -10.81 -11.66 15.17
C TYR A 171 -10.99 -13.19 14.99
N GLN A 172 -12.05 -13.72 15.58
CA GLN A 172 -12.34 -15.15 15.56
C GLN A 172 -13.24 -15.54 14.41
N ASP A 173 -13.79 -14.57 13.73
CA ASP A 173 -14.76 -14.81 12.70
C ASP A 173 -14.11 -15.36 11.41
N GLN A 174 -14.35 -16.63 11.13
CA GLN A 174 -13.71 -17.34 10.04
C GLN A 174 -13.98 -16.81 8.64
N GLU A 175 -15.11 -16.18 8.47
CA GLU A 175 -15.53 -15.64 7.20
C GLU A 175 -14.77 -14.35 6.88
N PHE A 176 -14.54 -13.56 7.90
CA PHE A 176 -13.63 -12.47 7.88
C PHE A 176 -12.22 -12.98 7.63
N LEU A 177 -11.76 -13.96 8.38
CA LEU A 177 -10.41 -14.46 8.22
C LEU A 177 -10.19 -14.97 6.83
N LYS A 178 -11.26 -15.37 6.19
CA LYS A 178 -11.22 -15.86 4.85
C LYS A 178 -10.95 -14.78 3.82
N MET A 179 -11.58 -13.64 3.96
CA MET A 179 -11.26 -12.52 3.13
C MET A 179 -9.80 -12.09 3.29
N LEU A 180 -9.32 -12.11 4.51
CA LEU A 180 -8.00 -11.63 4.83
C LEU A 180 -7.04 -12.58 4.12
N ASN A 181 -7.34 -13.88 4.21
CA ASN A 181 -6.54 -14.87 3.55
C ASN A 181 -6.48 -14.61 2.03
N LEU A 182 -7.61 -14.24 1.44
CA LEU A 182 -7.63 -13.96 0.05
C LEU A 182 -6.81 -12.70 -0.32
N PHE A 183 -6.83 -11.61 0.49
CA PHE A 183 -6.04 -10.40 0.21
C PHE A 183 -4.54 -10.74 0.33
N TYR A 184 -4.18 -11.50 1.34
CA TYR A 184 -2.79 -11.91 1.52
C TYR A 184 -2.29 -12.73 0.31
N GLN A 185 -3.02 -13.79 -0.03
CA GLN A 185 -2.62 -14.69 -1.11
C GLN A 185 -2.51 -13.92 -2.46
N THR A 186 -3.45 -13.02 -2.70
CA THR A 186 -3.56 -12.33 -3.96
C THR A 186 -2.41 -11.35 -4.17
N PHE A 187 -2.05 -10.64 -3.08
CA PHE A 187 -0.94 -9.69 -3.08
C PHE A 187 0.35 -10.47 -3.33
N SER A 188 0.52 -11.64 -2.72
CA SER A 188 1.70 -12.41 -3.01
C SER A 188 1.78 -12.85 -4.47
N LEU A 189 0.67 -13.35 -5.01
CA LEU A 189 0.69 -13.90 -6.37
C LEU A 189 0.94 -12.80 -7.44
N ILE A 190 0.37 -11.63 -7.19
CA ILE A 190 0.57 -10.45 -8.00
C ILE A 190 2.08 -10.07 -8.04
N SER A 191 2.76 -10.21 -6.91
CA SER A 191 4.14 -9.80 -6.68
C SER A 191 5.15 -10.91 -7.00
N SER A 192 4.61 -12.12 -7.26
CA SER A 192 5.43 -13.28 -7.53
C SER A 192 6.25 -13.13 -8.82
N VAL A 193 7.20 -14.05 -8.99
CA VAL A 193 7.97 -14.11 -10.23
C VAL A 193 7.03 -14.31 -11.40
N PHE A 194 6.04 -15.20 -11.27
CA PHE A 194 5.04 -15.35 -12.35
C PHE A 194 4.31 -14.05 -12.62
N GLY A 195 3.88 -13.36 -11.56
CA GLY A 195 3.17 -12.08 -11.80
C GLY A 195 4.02 -11.07 -12.54
N GLN A 196 5.34 -11.08 -12.33
CA GLN A 196 6.19 -10.13 -13.08
C GLN A 196 6.29 -10.51 -14.56
N LEU A 197 6.42 -11.81 -14.83
CA LEU A 197 6.50 -12.32 -16.17
C LEU A 197 5.20 -11.99 -16.89
N PHE A 198 4.06 -12.13 -16.19
CA PHE A 198 2.73 -11.81 -16.74
C PHE A 198 2.62 -10.37 -17.18
N GLU A 199 3.28 -9.48 -16.45
CA GLU A 199 3.30 -8.08 -16.83
C GLU A 199 3.95 -7.91 -18.20
N LEU A 200 4.92 -8.74 -18.50
CA LEU A 200 5.56 -8.63 -19.80
C LEU A 200 4.72 -9.35 -20.90
N PHE A 201 4.22 -10.55 -20.63
CA PHE A 201 3.66 -11.43 -21.71
C PHE A 201 2.20 -11.94 -21.49
N SER A 202 1.39 -11.11 -20.85
CA SER A 202 0.06 -11.50 -20.46
C SER A 202 -0.77 -11.89 -21.69
N GLY A 203 -0.52 -11.23 -22.82
CA GLY A 203 -1.21 -11.50 -24.09
C GLY A 203 -1.05 -12.94 -24.56
N PHE A 204 0.10 -13.55 -24.23
CA PHE A 204 0.41 -14.92 -24.56
C PHE A 204 0.11 -15.80 -23.37
N LEU A 205 0.58 -15.43 -22.17
CA LEU A 205 0.38 -16.32 -21.00
C LEU A 205 -1.09 -16.50 -20.51
N LYS A 206 -1.96 -15.57 -20.82
CA LYS A 206 -3.35 -15.67 -20.37
C LYS A 206 -4.09 -16.88 -20.92
N HIS A 207 -3.62 -17.42 -22.03
CA HIS A 207 -4.24 -18.62 -22.62
C HIS A 207 -3.93 -19.88 -21.86
N PHE A 208 -3.00 -19.87 -20.93
CA PHE A 208 -2.60 -21.07 -20.21
C PHE A 208 -2.93 -21.03 -18.75
N PRO A 209 -2.87 -22.15 -18.04
CA PRO A 209 -3.05 -22.04 -16.60
C PRO A 209 -1.93 -21.24 -15.93
N GLY A 210 -2.24 -20.68 -14.76
CA GLY A 210 -1.28 -19.95 -13.95
C GLY A 210 -1.92 -19.05 -12.89
N ALA A 211 -1.05 -18.32 -12.19
CA ALA A 211 -1.45 -17.57 -11.00
C ALA A 211 -2.44 -16.47 -11.39
N HIS A 212 -2.36 -15.98 -12.63
CA HIS A 212 -3.35 -14.99 -13.03
C HIS A 212 -4.76 -15.55 -12.89
N ARG A 213 -4.92 -16.86 -13.06
CA ARG A 213 -6.24 -17.45 -12.89
C ARG A 213 -6.65 -17.48 -11.45
N GLN A 214 -5.70 -17.78 -10.55
CA GLN A 214 -5.98 -17.83 -9.14
C GLN A 214 -6.36 -16.45 -8.55
N VAL A 215 -5.76 -15.38 -9.06
CA VAL A 215 -5.92 -14.01 -8.55
C VAL A 215 -7.33 -13.50 -8.91
N TYR A 216 -7.72 -13.73 -10.18
CA TYR A 216 -9.05 -13.45 -10.69
C TYR A 216 -10.11 -14.21 -9.85
N LYS A 217 -9.96 -15.50 -9.65
CA LYS A 217 -10.87 -16.25 -8.77
C LYS A 217 -10.97 -15.67 -7.34
N ASN A 218 -9.82 -15.37 -6.71
CA ASN A 218 -9.78 -14.78 -5.36
C ASN A 218 -10.54 -13.45 -5.30
N LEU A 219 -10.28 -12.63 -6.32
CA LEU A 219 -10.89 -11.34 -6.42
C LEU A 219 -12.44 -11.49 -6.54
N GLN A 220 -12.87 -12.49 -7.32
CA GLN A 220 -14.27 -12.66 -7.55
C GLN A 220 -14.93 -13.17 -6.31
N GLU A 221 -14.21 -13.95 -5.54
CA GLU A 221 -14.72 -14.44 -4.28
C GLU A 221 -14.85 -13.31 -3.24
N ILE A 222 -13.89 -12.37 -3.19
CA ILE A 222 -14.03 -11.13 -2.40
C ILE A 222 -15.20 -10.26 -2.90
N ASN A 223 -15.31 -10.14 -4.20
CA ASN A 223 -16.40 -9.43 -4.84
C ASN A 223 -17.79 -9.95 -4.38
N ALA A 224 -17.97 -11.27 -4.37
CA ALA A 224 -19.23 -11.88 -3.91
C ALA A 224 -19.59 -11.49 -2.47
N TRP A 225 -18.62 -11.59 -1.57
CA TRP A 225 -18.83 -11.31 -0.16
C TRP A 225 -19.24 -9.83 -0.04
N ILE A 226 -18.65 -8.97 -0.89
CA ILE A 226 -18.96 -7.58 -0.88
C ILE A 226 -20.35 -7.31 -1.47
N GLY A 227 -20.71 -8.10 -2.49
CA GLY A 227 -22.07 -8.12 -3.05
C GLY A 227 -23.13 -8.38 -2.00
N HIS A 228 -22.98 -9.47 -1.22
CA HIS A 228 -23.91 -9.78 -0.13
C HIS A 228 -24.01 -8.60 0.83
N SER A 229 -22.89 -7.99 1.17
CA SER A 229 -22.98 -6.88 2.12
C SER A 229 -23.67 -5.65 1.52
N VAL A 230 -23.48 -5.41 0.22
CA VAL A 230 -24.15 -4.32 -0.49
C VAL A 230 -25.67 -4.52 -0.51
N GLU A 231 -26.10 -5.76 -0.73
CA GLU A 231 -27.51 -6.13 -0.71
C GLU A 231 -28.13 -5.86 0.67
N LYS A 232 -27.45 -6.27 1.73
CA LYS A 232 -27.86 -5.97 3.10
C LYS A 232 -28.06 -4.46 3.36
N HIS A 233 -27.13 -3.67 2.83
CA HIS A 233 -27.21 -2.22 2.92
C HIS A 233 -28.41 -1.69 2.13
N ARG A 234 -28.60 -2.23 0.91
CA ARG A 234 -29.73 -1.82 0.08
C ARG A 234 -31.08 -2.05 0.84
N GLU A 235 -31.26 -3.26 1.38
CA GLU A 235 -32.46 -3.63 2.13
C GLU A 235 -32.77 -2.69 3.30
N THR A 236 -31.74 -2.16 3.95
CA THR A 236 -31.94 -1.43 5.21
C THR A 236 -31.65 0.07 5.10
N LEU A 237 -31.51 0.55 3.89
CA LEU A 237 -31.09 1.91 3.66
C LEU A 237 -32.11 2.91 4.25
N ASP A 238 -31.62 3.84 5.06
CA ASP A 238 -32.40 4.98 5.55
C ASP A 238 -31.89 6.26 4.91
N PRO A 239 -32.59 6.76 3.86
CA PRO A 239 -32.08 7.95 3.15
C PRO A 239 -31.77 9.17 4.03
N SER A 240 -32.45 9.34 5.14
CA SER A 240 -32.17 10.57 5.93
C SER A 240 -30.94 10.40 6.88
N ALA A 241 -30.45 9.16 6.99
CA ALA A 241 -29.32 8.80 7.85
C ALA A 241 -28.42 7.66 7.24
N PRO A 242 -27.56 8.00 6.27
CA PRO A 242 -26.58 7.00 5.80
C PRO A 242 -25.58 6.57 6.89
N ARG A 243 -25.33 5.27 7.01
CA ARG A 243 -24.53 4.77 8.11
C ARG A 243 -23.03 4.77 7.76
N ASP A 244 -22.72 4.74 6.46
CA ASP A 244 -21.35 4.51 6.03
C ASP A 244 -21.27 4.84 4.55
N LEU A 245 -20.11 4.51 3.94
CA LEU A 245 -19.81 4.87 2.58
C LEU A 245 -20.67 4.12 1.54
N ILE A 246 -20.92 2.84 1.74
CA ILE A 246 -21.84 2.10 0.87
C ILE A 246 -23.24 2.85 0.81
N ASP A 247 -23.78 3.27 1.97
CA ASP A 247 -25.08 3.96 2.02
C ASP A 247 -24.98 5.23 1.27
N THR A 248 -23.89 5.95 1.47
CA THR A 248 -23.73 7.26 0.82
C THR A 248 -23.66 7.09 -0.71
N TYR A 249 -23.05 5.98 -1.15
CA TYR A 249 -22.85 5.71 -2.55
C TYR A 249 -24.25 5.35 -3.10
N LEU A 250 -24.98 4.54 -2.37
CA LEU A 250 -26.31 4.15 -2.78
C LEU A 250 -27.22 5.35 -2.96
N LEU A 251 -27.06 6.36 -2.14
CA LEU A 251 -27.79 7.59 -2.29
C LEU A 251 -27.41 8.37 -3.53
N HIS A 252 -26.13 8.30 -3.89
CA HIS A 252 -25.64 8.92 -5.11
C HIS A 252 -26.20 8.21 -6.34
N MET A 253 -26.37 6.89 -6.24
CA MET A 253 -26.93 6.12 -7.35
C MET A 253 -28.33 6.62 -7.67
N GLU A 254 -29.09 6.84 -6.64
CA GLU A 254 -30.46 7.21 -6.76
C GLU A 254 -30.61 8.64 -7.22
N LYS A 255 -29.86 9.54 -6.63
CA LYS A 255 -29.89 10.90 -7.04
C LYS A 255 -29.60 11.06 -8.51
N GLU A 256 -28.68 10.24 -9.03
CA GLU A 256 -28.22 10.34 -10.42
C GLU A 256 -28.92 9.37 -11.37
N LYS A 257 -29.96 8.68 -10.96
CA LYS A 257 -30.49 7.57 -11.72
C LYS A 257 -31.03 7.84 -13.13
N SER A 258 -31.35 9.07 -13.45
CA SER A 258 -31.83 9.40 -14.75
C SER A 258 -30.74 9.62 -15.78
N ASN A 259 -29.49 9.50 -15.41
CA ASN A 259 -28.39 9.64 -16.34
C ASN A 259 -27.81 8.26 -16.63
N ALA A 260 -28.05 7.74 -17.82
CA ALA A 260 -27.50 6.43 -18.19
C ALA A 260 -25.94 6.36 -18.05
N HIS A 261 -25.25 7.51 -18.19
CA HIS A 261 -23.80 7.57 -18.09
C HIS A 261 -23.26 7.95 -16.69
N SER A 262 -24.08 7.75 -15.68
CA SER A 262 -23.65 8.06 -14.35
C SER A 262 -22.53 7.10 -13.97
N GLU A 263 -21.55 7.65 -13.26
CA GLU A 263 -20.43 6.90 -12.81
C GLU A 263 -20.84 6.10 -11.60
N PHE A 264 -21.97 6.48 -10.97
CA PHE A 264 -22.35 5.73 -9.81
C PHE A 264 -23.10 4.49 -10.22
N SER A 265 -22.38 3.56 -10.84
CA SER A 265 -22.94 2.35 -11.39
C SER A 265 -22.79 1.27 -10.36
N HIS A 266 -23.41 0.13 -10.57
CA HIS A 266 -23.16 -1.01 -9.69
C HIS A 266 -21.75 -1.63 -9.82
N GLN A 267 -21.17 -1.64 -11.02
CA GLN A 267 -19.79 -2.20 -11.09
C GLN A 267 -18.77 -1.32 -10.32
N ASN A 268 -18.96 0.00 -10.37
CA ASN A 268 -18.10 0.90 -9.63
C ASN A 268 -18.27 0.74 -8.16
N LEU A 269 -19.49 0.38 -7.72
CA LEU A 269 -19.81 0.15 -6.31
C LEU A 269 -19.05 -1.01 -5.75
N ASN A 270 -19.15 -2.15 -6.41
CA ASN A 270 -18.46 -3.30 -5.95
C ASN A 270 -16.93 -3.07 -6.05
N LEU A 271 -16.45 -2.56 -7.19
CA LEU A 271 -15.01 -2.53 -7.45
C LEU A 271 -14.37 -1.34 -6.71
N ASN A 272 -15.01 -0.23 -6.57
CA ASN A 272 -14.45 0.81 -5.76
C ASN A 272 -14.36 0.39 -4.32
N THR A 273 -15.35 -0.30 -3.83
CA THR A 273 -15.36 -0.79 -2.48
C THR A 273 -14.30 -1.83 -2.26
N LEU A 274 -14.15 -2.73 -3.20
CA LEU A 274 -13.11 -3.69 -3.13
C LEU A 274 -11.74 -3.02 -3.14
N SER A 275 -11.60 -1.98 -3.93
CA SER A 275 -10.35 -1.28 -4.07
C SER A 275 -9.93 -0.69 -2.74
N LEU A 276 -10.87 -0.07 -2.07
CA LEU A 276 -10.63 0.55 -0.79
C LEU A 276 -10.31 -0.46 0.27
N PHE A 277 -11.02 -1.57 0.25
CA PHE A 277 -10.88 -2.62 1.22
C PHE A 277 -9.53 -3.30 1.08
N PHE A 278 -9.15 -3.57 -0.15
CA PHE A 278 -7.88 -4.18 -0.50
C PHE A 278 -6.74 -3.27 -0.07
N ALA A 279 -6.67 -2.10 -0.65
CA ALA A 279 -5.68 -1.11 -0.32
C ALA A 279 -5.68 -0.72 1.15
N GLY A 280 -6.82 -0.52 1.75
CA GLY A 280 -6.86 -0.17 3.18
C GLY A 280 -6.43 -1.29 4.13
N THR A 281 -6.29 -2.51 3.62
CA THR A 281 -5.96 -3.64 4.48
C THR A 281 -4.50 -4.04 4.29
N GLU A 282 -4.15 -4.35 3.04
CA GLU A 282 -2.94 -5.09 2.74
C GLU A 282 -1.63 -4.24 2.80
N THR A 283 -1.73 -2.94 2.55
CA THR A 283 -0.60 -2.02 2.51
C THR A 283 -0.09 -1.84 3.97
N THR A 284 -0.97 -1.41 4.88
CA THR A 284 -0.63 -1.13 6.29
C THR A 284 -0.30 -2.35 7.05
N SER A 285 -1.03 -3.43 6.76
CA SER A 285 -0.70 -4.68 7.44
C SER A 285 0.69 -5.20 7.06
N THR A 286 1.05 -5.15 5.80
CA THR A 286 2.33 -5.56 5.34
C THR A 286 3.47 -4.75 5.94
N THR A 287 3.27 -3.45 6.05
CA THR A 287 4.17 -2.55 6.72
C THR A 287 4.42 -2.96 8.15
N LEU A 288 3.36 -3.21 8.90
CA LEU A 288 3.49 -3.65 10.28
C LEU A 288 4.25 -4.97 10.35
N ARG A 289 3.96 -5.85 9.40
CA ARG A 289 4.61 -7.16 9.34
C ARG A 289 6.13 -6.99 9.33
N TYR A 290 6.61 -6.03 8.54
CA TYR A 290 8.04 -5.75 8.45
C TYR A 290 8.52 -5.05 9.71
N GLY A 291 7.65 -4.24 10.30
CA GLY A 291 7.98 -3.53 11.52
C GLY A 291 8.33 -4.47 12.65
N PHE A 292 7.51 -5.46 12.85
CA PHE A 292 7.76 -6.35 13.92
C PHE A 292 8.89 -7.32 13.63
N LEU A 293 9.07 -7.69 12.39
CA LEU A 293 10.21 -8.44 11.95
C LEU A 293 11.48 -7.62 12.18
N LEU A 294 11.43 -6.36 11.84
CA LEU A 294 12.52 -5.44 12.05
C LEU A 294 12.79 -5.24 13.53
N MET A 295 11.75 -5.16 14.32
CA MET A 295 11.93 -5.02 15.77
C MET A 295 12.67 -6.22 16.33
N LEU A 296 12.27 -7.41 15.89
CA LEU A 296 12.92 -8.64 16.33
C LEU A 296 14.41 -8.63 15.96
N LYS A 297 14.75 -8.09 14.79
CA LYS A 297 16.15 -8.13 14.39
C LYS A 297 16.96 -7.07 15.12
N TYR A 298 16.32 -5.98 15.52
CA TYR A 298 16.97 -4.83 16.14
C TYR A 298 16.21 -4.53 17.43
N PRO A 299 16.33 -5.41 18.43
CA PRO A 299 15.61 -5.25 19.71
C PRO A 299 16.04 -3.98 20.46
N HIS A 300 17.26 -3.53 20.23
CA HIS A 300 17.72 -2.26 20.77
C HIS A 300 16.80 -1.10 20.38
N VAL A 301 16.29 -1.13 19.15
CA VAL A 301 15.40 -0.05 18.65
C VAL A 301 14.00 -0.14 19.33
N ALA A 302 13.48 -1.37 19.43
CA ALA A 302 12.25 -1.63 20.17
C ALA A 302 12.36 -1.11 21.61
N GLU A 303 13.48 -1.37 22.26
CA GLU A 303 13.72 -0.95 23.61
C GLU A 303 13.75 0.56 23.76
N ARG A 304 14.38 1.21 22.82
CA ARG A 304 14.46 2.64 22.81
C ARG A 304 13.11 3.25 22.46
N VAL A 305 12.33 2.61 21.63
CA VAL A 305 10.97 3.06 21.43
C VAL A 305 10.16 2.99 22.72
N TYR A 306 10.31 1.93 23.48
CA TYR A 306 9.58 1.74 24.70
C TYR A 306 9.95 2.73 25.79
N ARG A 307 11.20 3.11 25.84
CA ARG A 307 11.67 4.12 26.75
C ARG A 307 10.98 5.41 26.50
N GLU A 308 10.83 5.76 25.22
CA GLU A 308 10.15 6.98 24.82
C GLU A 308 8.69 6.91 25.20
N ILE A 309 8.05 5.78 24.92
CA ILE A 309 6.66 5.58 25.29
C ILE A 309 6.49 5.84 26.82
N GLU A 310 7.29 5.14 27.63
CA GLU A 310 7.31 5.35 29.10
C GLU A 310 7.32 6.83 29.48
N GLN A 311 8.25 7.58 28.88
CA GLN A 311 8.53 8.94 29.26
C GLN A 311 7.48 9.93 28.78
N VAL A 312 6.88 9.65 27.63
CA VAL A 312 5.95 10.63 27.02
C VAL A 312 4.50 10.28 27.33
N ILE A 313 4.22 9.00 27.45
CA ILE A 313 2.85 8.52 27.51
C ILE A 313 2.61 7.84 28.84
N GLY A 314 3.60 7.10 29.31
CA GLY A 314 3.45 6.25 30.46
C GLY A 314 2.94 4.86 30.07
N PRO A 315 2.82 3.97 31.04
CA PRO A 315 2.46 2.55 30.81
C PRO A 315 0.99 2.24 30.58
N HIS A 316 0.10 3.17 30.83
CA HIS A 316 -1.32 2.89 30.87
C HIS A 316 -2.24 3.76 30.01
N ARG A 317 -2.05 5.06 29.98
CA ARG A 317 -2.96 5.89 29.20
C ARG A 317 -2.78 5.55 27.68
N PRO A 318 -3.89 5.43 26.95
CA PRO A 318 -3.59 4.89 25.58
C PRO A 318 -2.95 5.98 24.69
N PRO A 319 -2.03 5.57 23.79
CA PRO A 319 -1.42 6.51 22.83
C PRO A 319 -2.53 7.23 22.02
N GLU A 320 -2.27 8.46 21.61
CA GLU A 320 -3.15 9.27 20.80
C GLU A 320 -2.27 10.02 19.84
N LEU A 321 -2.87 10.58 18.80
CA LEU A 321 -2.14 11.24 17.74
C LEU A 321 -1.38 12.47 18.23
N HIS A 322 -1.91 13.13 19.25
CA HIS A 322 -1.22 14.27 19.84
C HIS A 322 0.16 13.90 20.45
N ASP A 323 0.35 12.63 20.75
CA ASP A 323 1.64 12.15 21.24
C ASP A 323 2.80 12.22 20.21
N ARG A 324 2.47 12.23 18.92
CA ARG A 324 3.45 12.19 17.83
C ARG A 324 4.50 13.30 17.90
N ALA A 325 4.09 14.55 18.07
CA ALA A 325 5.08 15.67 18.05
C ALA A 325 6.12 15.52 19.14
N LYS A 326 5.84 14.70 20.14
CA LYS A 326 6.68 14.64 21.34
C LYS A 326 7.39 13.33 21.35
N MET A 327 7.18 12.52 20.32
CA MET A 327 7.95 11.28 20.20
C MET A 327 8.78 11.19 18.88
N PRO A 328 9.85 12.04 18.77
CA PRO A 328 10.54 12.03 17.47
C PRO A 328 11.14 10.68 17.17
N TYR A 329 11.63 9.97 18.17
CA TYR A 329 12.33 8.70 17.89
C TYR A 329 11.39 7.63 17.30
N THR A 330 10.22 7.43 17.94
CA THR A 330 9.22 6.45 17.47
C THR A 330 8.76 6.81 16.03
N GLU A 331 8.60 8.10 15.79
CA GLU A 331 8.21 8.60 14.47
C GLU A 331 9.30 8.34 13.46
N ALA A 332 10.55 8.51 13.89
CA ALA A 332 11.71 8.14 13.04
C ALA A 332 11.70 6.66 12.77
N VAL A 333 11.36 5.84 13.77
CA VAL A 333 11.41 4.37 13.61
C VAL A 333 10.30 3.99 12.61
N ILE A 334 9.17 4.68 12.64
CA ILE A 334 8.08 4.32 11.75
C ILE A 334 8.44 4.77 10.34
N TYR A 335 8.99 5.99 10.16
CA TYR A 335 9.46 6.43 8.84
C TYR A 335 10.45 5.41 8.26
N GLU A 336 11.38 4.97 9.09
CA GLU A 336 12.40 4.09 8.61
C GLU A 336 11.84 2.70 8.28
N ILE A 337 10.85 2.24 9.06
CA ILE A 337 10.17 1.00 8.71
C ILE A 337 9.48 1.22 7.38
N GLN A 338 8.82 2.34 7.14
CA GLN A 338 8.26 2.58 5.78
C GLN A 338 9.28 2.69 4.60
N ARG A 339 10.40 3.33 4.88
CA ARG A 339 11.44 3.55 3.84
C ARG A 339 12.06 2.20 3.53
N PHE A 340 12.39 1.46 4.58
CA PHE A 340 13.12 0.27 4.40
C PHE A 340 12.28 -0.80 3.71
N SER A 341 11.01 -0.87 4.10
CA SER A 341 10.13 -1.94 3.68
C SER A 341 9.54 -1.65 2.30
N ASP A 342 9.48 -0.38 1.88
CA ASP A 342 9.47 -0.05 0.46
C ASP A 342 8.30 -0.83 -0.23
N LEU A 343 7.12 -0.63 0.31
CA LEU A 343 5.93 -1.44 -0.03
C LEU A 343 5.68 -1.66 -1.54
N LEU A 344 5.68 -0.56 -2.29
CA LEU A 344 5.42 -0.63 -3.72
C LEU A 344 6.66 -0.02 -4.39
N PRO A 345 7.68 -0.85 -4.68
CA PRO A 345 8.99 -0.31 -5.11
C PRO A 345 8.90 0.46 -6.41
N MET A 346 7.95 0.11 -7.27
CA MET A 346 7.74 0.76 -8.55
C MET A 346 6.41 1.48 -8.52
N GLY A 347 5.91 1.78 -7.31
CA GLY A 347 4.59 2.46 -7.21
C GLY A 347 3.47 1.65 -7.86
N VAL A 348 2.50 2.37 -8.41
CA VAL A 348 1.43 1.80 -9.27
C VAL A 348 1.51 2.49 -10.63
N PRO A 349 1.35 1.73 -11.74
CA PRO A 349 1.83 2.36 -12.98
C PRO A 349 0.99 3.54 -13.35
N HIS A 350 1.61 4.48 -14.05
CA HIS A 350 0.91 5.61 -14.56
C HIS A 350 0.83 5.55 -16.08
N ILE A 351 0.16 6.50 -16.72
CA ILE A 351 0.18 6.51 -18.18
C ILE A 351 -0.06 7.93 -18.66
N VAL A 352 0.86 8.50 -19.44
CA VAL A 352 0.63 9.94 -19.76
C VAL A 352 -0.67 10.17 -20.59
N THR A 353 -1.33 11.28 -20.32
CA THR A 353 -2.67 11.49 -20.87
C THR A 353 -2.66 12.44 -22.06
N GLN A 354 -1.48 12.90 -22.47
CA GLN A 354 -1.31 13.72 -23.66
C GLN A 354 0.17 13.73 -24.04
N HIS A 355 0.49 14.20 -25.26
CA HIS A 355 1.87 14.28 -25.71
C HIS A 355 2.62 15.15 -24.74
N THR A 356 3.69 14.61 -24.17
CA THR A 356 4.46 15.41 -23.20
C THR A 356 5.95 15.40 -23.52
N SER A 357 6.58 16.55 -23.33
CA SER A 357 8.02 16.58 -23.49
C SER A 357 8.63 16.51 -22.08
N PHE A 358 9.57 15.61 -21.91
CA PHE A 358 10.15 15.40 -20.61
C PHE A 358 11.65 15.31 -20.79
N ARG A 359 12.35 16.30 -20.25
CA ARG A 359 13.84 16.42 -20.35
C ARG A 359 14.35 16.26 -21.78
N GLY A 360 13.69 16.91 -22.74
CA GLY A 360 14.11 16.74 -24.13
C GLY A 360 13.60 15.49 -24.86
N TYR A 361 12.95 14.58 -24.14
CA TYR A 361 12.29 13.44 -24.79
C TYR A 361 10.81 13.76 -25.02
N ILE A 362 10.20 13.07 -25.96
CA ILE A 362 8.80 13.30 -26.24
C ILE A 362 8.19 12.01 -25.83
N ILE A 363 7.22 12.07 -24.93
CA ILE A 363 6.57 10.86 -24.48
C ILE A 363 5.13 10.90 -25.01
N PRO A 364 4.80 9.99 -25.94
CA PRO A 364 3.50 10.03 -26.59
C PRO A 364 2.33 9.75 -25.61
N LYS A 365 1.23 10.43 -25.81
CA LYS A 365 -0.02 10.09 -25.20
C LYS A 365 -0.17 8.55 -25.14
N ASP A 366 -0.56 8.07 -23.94
CA ASP A 366 -0.77 6.64 -23.62
C ASP A 366 0.46 5.75 -23.33
N THR A 367 1.65 6.31 -23.38
CA THR A 367 2.80 5.52 -22.91
C THR A 367 2.71 5.25 -21.39
N GLU A 368 2.97 4.02 -20.98
CA GLU A 368 3.02 3.75 -19.59
C GLU A 368 4.34 4.34 -18.95
N VAL A 369 4.26 4.71 -17.67
CA VAL A 369 5.35 5.28 -16.94
C VAL A 369 5.40 4.57 -15.55
N PHE A 370 6.53 3.97 -15.19
CA PHE A 370 6.73 3.52 -13.80
C PHE A 370 7.58 4.57 -13.04
N LEU A 371 7.06 5.06 -11.92
CA LEU A 371 7.85 5.96 -11.08
C LEU A 371 8.51 5.02 -10.05
N ILE A 372 9.82 4.83 -10.12
CA ILE A 372 10.41 3.84 -9.24
C ILE A 372 10.60 4.46 -7.84
N LEU A 373 9.56 4.33 -7.01
CA LEU A 373 9.55 5.02 -5.72
C LEU A 373 10.74 4.55 -4.90
N SER A 374 11.12 3.32 -5.11
CA SER A 374 12.23 2.72 -4.39
C SER A 374 13.53 3.53 -4.55
N THR A 375 13.69 4.18 -5.71
CA THR A 375 14.94 4.88 -5.97
C THR A 375 14.98 6.15 -5.15
N ALA A 376 13.83 6.79 -4.92
CA ALA A 376 13.80 7.87 -3.98
C ALA A 376 14.09 7.40 -2.56
N LEU A 377 13.47 6.26 -2.13
CA LEU A 377 13.57 5.76 -0.75
C LEU A 377 14.99 5.25 -0.38
N HIS A 378 15.78 4.93 -1.40
CA HIS A 378 17.13 4.38 -1.20
C HIS A 378 18.19 5.36 -1.72
N ASP A 379 17.84 6.60 -1.88
CA ASP A 379 18.71 7.60 -2.44
C ASP A 379 19.86 7.88 -1.43
N PRO A 380 21.11 7.58 -1.85
CA PRO A 380 22.20 7.72 -0.88
C PRO A 380 22.55 9.21 -0.57
N HIS A 381 22.00 10.17 -1.28
CA HIS A 381 22.20 11.54 -0.86
C HIS A 381 21.32 11.90 0.33
N TYR A 382 20.22 11.16 0.52
CA TYR A 382 19.31 11.51 1.60
C TYR A 382 19.45 10.54 2.74
N PHE A 383 19.82 9.34 2.42
CA PHE A 383 19.99 8.33 3.42
C PHE A 383 21.35 7.64 3.28
N GLU A 384 22.22 7.84 4.26
CA GLU A 384 23.52 7.25 4.22
C GLU A 384 23.36 5.78 4.49
N LYS A 385 23.98 4.95 3.69
CA LYS A 385 23.69 3.49 3.83
C LYS A 385 22.19 3.17 3.73
N PRO A 386 21.57 3.44 2.55
CA PRO A 386 20.13 3.24 2.39
C PRO A 386 19.66 1.79 2.41
N ASP A 387 20.58 0.85 2.32
CA ASP A 387 20.26 -0.56 2.43
C ASP A 387 20.17 -1.11 3.84
N ALA A 388 20.50 -0.33 4.84
CA ALA A 388 20.39 -0.76 6.22
C ALA A 388 19.20 -0.12 6.93
N PHE A 389 18.58 -0.84 7.83
CA PHE A 389 17.57 -0.27 8.71
C PHE A 389 18.24 0.58 9.75
N ASN A 390 17.94 1.85 9.78
CA ASN A 390 18.51 2.73 10.76
C ASN A 390 17.67 3.94 11.00
N PRO A 391 17.00 4.03 12.14
CA PRO A 391 16.10 5.21 12.36
C PRO A 391 16.78 6.59 12.37
N ASP A 392 18.10 6.60 12.56
CA ASP A 392 18.90 7.81 12.49
C ASP A 392 18.74 8.47 11.14
N HIS A 393 18.38 7.70 10.11
CA HIS A 393 17.97 8.31 8.84
C HIS A 393 16.95 9.37 8.92
N PHE A 394 16.12 9.34 9.97
CA PHE A 394 15.07 10.35 10.10
C PHE A 394 15.26 11.25 11.36
N LEU A 395 16.49 11.32 11.84
CA LEU A 395 16.78 12.15 13.05
C LEU A 395 17.94 13.08 12.76
N ASP A 396 17.90 14.33 13.27
CA ASP A 396 19.10 15.19 13.22
C ASP A 396 20.00 14.88 14.41
N ALA A 397 21.13 15.57 14.48
CA ALA A 397 22.13 15.44 15.55
C ALA A 397 21.56 15.59 16.98
N ASN A 398 20.56 16.46 17.12
CA ASN A 398 19.88 16.73 18.41
C ASN A 398 18.89 15.64 18.85
N GLY A 399 18.62 14.68 17.95
CA GLY A 399 17.61 13.68 18.17
C GLY A 399 16.23 14.19 17.82
N ALA A 400 16.15 15.24 17.05
CA ALA A 400 14.85 15.77 16.60
C ALA A 400 14.45 15.12 15.24
N LEU A 401 13.14 15.00 14.98
CA LEU A 401 12.68 14.41 13.73
C LEU A 401 13.23 15.18 12.51
N LYS A 402 13.81 14.46 11.58
CA LYS A 402 14.19 15.08 10.31
C LYS A 402 13.44 14.51 9.10
N LYS A 403 12.46 15.22 8.60
CA LYS A 403 11.68 14.76 7.46
C LYS A 403 12.41 15.19 6.18
N THR A 404 12.15 14.45 5.10
CA THR A 404 12.87 14.69 3.88
C THR A 404 11.94 14.49 2.70
N GLU A 405 12.14 15.34 1.72
CA GLU A 405 11.40 15.27 0.47
C GLU A 405 11.65 13.96 -0.27
N ALA A 406 12.71 13.19 0.07
CA ALA A 406 12.92 11.88 -0.56
C ALA A 406 11.94 10.84 -0.01
N PHE A 407 11.25 11.17 1.08
CA PHE A 407 10.37 10.16 1.72
C PHE A 407 9.04 10.19 0.97
N ILE A 408 8.89 9.36 -0.07
CA ILE A 408 7.69 9.38 -0.89
C ILE A 408 7.05 7.98 -1.06
N PRO A 409 6.87 7.22 0.06
CA PRO A 409 6.28 5.85 -0.07
C PRO A 409 4.79 5.86 -0.54
N PHE A 410 4.12 7.01 -0.45
CA PHE A 410 2.68 7.15 -0.86
C PHE A 410 2.63 7.83 -2.22
N SER A 411 3.79 7.96 -2.88
CA SER A 411 3.91 8.69 -4.14
C SER A 411 3.58 10.19 -3.96
N LEU A 412 3.29 10.85 -5.06
CA LEU A 412 3.05 12.31 -5.14
C LEU A 412 1.98 12.66 -6.18
N GLY A 413 1.51 13.88 -6.20
CA GLY A 413 0.66 14.36 -7.24
C GLY A 413 -0.80 14.03 -7.11
N LYS A 414 -1.54 14.02 -8.19
CA LYS A 414 -2.98 13.78 -8.18
C LYS A 414 -3.43 12.40 -7.79
N ARG A 415 -2.63 11.41 -8.12
CA ARG A 415 -2.93 10.03 -7.77
C ARG A 415 -2.28 9.62 -6.44
N ILE A 416 -1.75 10.59 -5.70
CA ILE A 416 -1.14 10.28 -4.43
C ILE A 416 -2.05 9.48 -3.54
N CYS A 417 -1.51 8.55 -2.80
CA CYS A 417 -2.27 7.67 -1.95
C CYS A 417 -3.37 8.41 -1.23
N LEU A 418 -4.59 8.00 -1.39
CA LEU A 418 -5.61 8.81 -0.70
C LEU A 418 -5.78 8.38 0.77
N GLY A 419 -5.20 7.25 1.14
CA GLY A 419 -5.23 6.72 2.53
C GLY A 419 -4.01 7.11 3.39
N GLU A 420 -3.22 8.05 2.90
CA GLU A 420 -1.96 8.38 3.57
C GLU A 420 -2.18 8.74 5.07
N GLY A 421 -3.14 9.61 5.35
CA GLY A 421 -3.30 10.09 6.74
C GLY A 421 -3.81 8.98 7.64
N ILE A 422 -4.75 8.19 7.12
CA ILE A 422 -5.23 7.02 7.83
C ILE A 422 -4.07 6.06 8.14
N ALA A 423 -3.24 5.77 7.13
CA ALA A 423 -2.21 4.73 7.27
C ALA A 423 -1.18 5.20 8.28
N ARG A 424 -0.82 6.49 8.20
CA ARG A 424 0.11 7.05 9.20
C ARG A 424 -0.50 7.03 10.58
N ALA A 425 -1.77 7.34 10.70
CA ALA A 425 -2.42 7.29 12.03
C ALA A 425 -2.42 5.84 12.54
N GLU A 426 -2.67 4.88 11.67
CA GLU A 426 -2.74 3.49 12.14
C GLU A 426 -1.38 3.00 12.50
N LEU A 427 -0.37 3.33 11.69
CA LEU A 427 1.00 2.86 12.01
C LEU A 427 1.47 3.37 13.35
N PHE A 428 1.28 4.66 13.62
CA PHE A 428 1.69 5.19 14.92
C PHE A 428 0.89 4.58 16.08
N LEU A 429 -0.44 4.61 15.98
CA LEU A 429 -1.28 4.14 17.12
C LEU A 429 -1.10 2.65 17.37
N PHE A 430 -1.05 1.84 16.31
CA PHE A 430 -0.91 0.39 16.53
C PHE A 430 0.50 0.00 16.99
N PHE A 431 1.54 0.54 16.32
CA PHE A 431 2.90 0.35 16.77
C PHE A 431 3.10 0.78 18.24
N THR A 432 2.71 1.99 18.63
CA THR A 432 2.99 2.40 20.05
C THR A 432 2.11 1.67 21.04
N THR A 433 0.83 1.48 20.69
CA THR A 433 -0.08 0.81 21.65
C THR A 433 0.40 -0.61 21.91
N ILE A 434 0.83 -1.31 20.85
CA ILE A 434 1.41 -2.65 21.06
C ILE A 434 2.69 -2.63 21.92
N LEU A 435 3.62 -1.72 21.59
CA LEU A 435 4.89 -1.70 22.34
C LEU A 435 4.77 -1.20 23.78
N GLN A 436 3.77 -0.39 24.06
CA GLN A 436 3.50 0.11 25.42
C GLN A 436 3.11 -1.07 26.30
N ASN A 437 2.43 -2.05 25.73
CA ASN A 437 1.88 -3.22 26.47
C ASN A 437 2.68 -4.50 26.40
N PHE A 438 3.59 -4.59 25.43
CA PHE A 438 4.28 -5.87 25.15
C PHE A 438 5.69 -5.64 24.62
N SER A 439 6.55 -6.60 24.91
CA SER A 439 7.83 -6.66 24.25
C SER A 439 7.79 -7.89 23.34
N MET A 440 8.78 -8.09 22.50
CA MET A 440 8.71 -9.17 21.55
C MET A 440 9.82 -10.18 21.70
N ALA A 441 9.53 -11.45 21.39
CA ALA A 441 10.50 -12.50 21.38
C ALA A 441 10.20 -13.38 20.20
N SER A 442 11.20 -14.14 19.78
CA SER A 442 10.94 -15.18 18.81
C SER A 442 12.02 -16.21 18.99
N PRO A 443 11.84 -17.39 18.40
CA PRO A 443 12.87 -18.41 18.44
C PRO A 443 14.14 -18.14 17.57
N VAL A 444 14.11 -17.16 16.68
CA VAL A 444 15.29 -16.91 15.86
C VAL A 444 16.09 -15.74 16.44
N ALA A 445 17.35 -15.98 16.74
CA ALA A 445 18.23 -14.97 17.23
C ALA A 445 18.30 -13.82 16.24
N PRO A 446 18.40 -12.61 16.73
CA PRO A 446 18.44 -11.43 15.86
C PRO A 446 19.47 -11.51 14.76
N GLU A 447 20.69 -11.90 15.06
CA GLU A 447 21.71 -12.17 14.08
C GLU A 447 21.22 -13.04 12.95
N ASP A 448 20.35 -13.99 13.21
CA ASP A 448 19.91 -14.93 12.19
C ASP A 448 18.61 -14.60 11.49
N ILE A 449 17.98 -13.51 11.83
CA ILE A 449 16.78 -13.06 11.14
C ILE A 449 17.10 -12.58 9.71
N ASP A 450 16.51 -13.23 8.73
CA ASP A 450 16.69 -12.84 7.33
C ASP A 450 15.57 -11.86 6.97
N LEU A 451 15.94 -10.66 6.51
CA LEU A 451 14.94 -9.71 6.08
C LEU A 451 14.57 -9.80 4.62
N THR A 452 15.21 -10.72 3.88
CA THR A 452 14.96 -10.89 2.44
C THR A 452 13.45 -11.10 2.16
N PRO A 453 12.85 -10.28 1.30
CA PRO A 453 11.40 -10.46 1.10
C PRO A 453 11.07 -11.83 0.53
N GLN A 454 9.91 -12.37 0.87
CA GLN A 454 9.42 -13.57 0.20
C GLN A 454 8.94 -13.29 -1.23
N GLU A 455 8.48 -12.06 -1.52
CA GLU A 455 8.20 -11.69 -2.90
C GLU A 455 8.67 -10.29 -3.08
N CYS A 456 9.08 -10.00 -4.32
CA CYS A 456 9.36 -8.64 -4.67
C CYS A 456 8.98 -8.35 -6.09
N GLY A 457 7.79 -7.80 -6.33
CA GLY A 457 7.39 -7.32 -7.66
C GLY A 457 6.63 -6.05 -7.38
N VAL A 458 5.35 -5.98 -7.77
CA VAL A 458 4.48 -4.84 -7.43
C VAL A 458 4.56 -4.53 -5.94
N GLY A 459 4.48 -5.55 -5.12
CA GLY A 459 4.56 -5.45 -3.71
C GLY A 459 5.89 -6.06 -3.22
N LYS A 460 6.47 -5.49 -2.17
CA LYS A 460 7.59 -6.13 -1.50
C LYS A 460 6.98 -6.75 -0.26
N ILE A 461 7.12 -8.07 -0.10
CA ILE A 461 6.37 -8.79 0.92
C ILE A 461 7.34 -9.51 1.86
N PRO A 462 7.25 -9.25 3.17
CA PRO A 462 8.23 -9.87 4.04
C PRO A 462 7.98 -11.37 4.13
N PRO A 463 9.00 -12.13 4.55
CA PRO A 463 8.86 -13.56 4.77
C PRO A 463 7.98 -13.77 6.04
N THR A 464 7.45 -14.99 6.17
CA THR A 464 6.65 -15.39 7.31
C THR A 464 7.56 -15.55 8.50
N TYR A 465 7.00 -15.32 9.68
CA TYR A 465 7.78 -15.51 10.84
C TYR A 465 6.84 -15.72 12.00
N GLN A 466 7.38 -16.33 13.02
CA GLN A 466 6.76 -16.47 14.32
C GLN A 466 7.25 -15.42 15.28
N ILE A 467 6.38 -15.03 16.18
CA ILE A 467 6.63 -14.04 17.18
C ILE A 467 5.80 -14.27 18.45
N ARG A 468 6.29 -13.78 19.58
CA ARG A 468 5.56 -13.77 20.82
C ARG A 468 5.44 -12.35 21.32
N PHE A 469 4.30 -12.00 21.83
CA PHE A 469 4.12 -10.76 22.51
C PHE A 469 4.13 -10.94 24.04
N LEU A 470 5.23 -10.60 24.68
CA LEU A 470 5.34 -10.80 26.14
C LEU A 470 4.85 -9.57 26.92
N PRO A 471 3.86 -9.76 27.83
CA PRO A 471 3.31 -8.63 28.60
C PRO A 471 4.34 -7.96 29.49
N ARG A 472 4.26 -6.64 29.63
CA ARG A 472 5.23 -5.95 30.49
C ARG A 472 4.72 -5.96 31.93
N HIS A 473 5.62 -6.03 32.90
CA HIS A 473 5.24 -6.05 34.30
C HIS A 473 3.94 -6.81 34.51
CHA HEM B . -2.55 4.58 -4.12
CHB HEM B . 1.03 3.47 -1.04
CHC HEM B . -2.21 2.80 2.48
CHD HEM B . -5.82 3.59 -0.64
C1A HEM B . -1.30 4.34 -3.58
C2A HEM B . -0.06 4.51 -4.27
C3A HEM B . 0.94 4.20 -3.44
C4A HEM B . 0.35 3.88 -2.18
CMA HEM B . 2.47 4.25 -3.71
CAA HEM B . 0.00 4.92 -5.77
CBA HEM B . -0.06 6.42 -5.96
CGA HEM B . 0.35 6.61 -7.43
O1A HEM B . -0.24 5.89 -8.24
O2A HEM B . 1.23 7.44 -7.86
C1B HEM B . 0.43 3.16 0.17
C2B HEM B . 1.17 2.77 1.36
C3B HEM B . 0.24 2.59 2.32
C4B HEM B . -1.07 2.85 1.76
CMB HEM B . 2.73 2.62 1.44
CAB HEM B . 0.38 2.17 3.82
CBB HEM B . 1.58 2.04 4.34
C1C HEM B . -3.47 3.01 1.97
C2C HEM B . -4.73 2.93 2.69
C3C HEM B . -5.72 3.15 1.82
C4C HEM B . -5.13 3.41 0.53
CMC HEM B . -4.74 2.69 4.22
CAC HEM B . -7.24 3.19 1.98
CBC HEM B . -7.76 3.61 3.14
C1D HEM B . -5.25 3.90 -1.86
C2D HEM B . -6.03 4.20 -3.03
C3D HEM B . -5.03 4.53 -4.09
C4D HEM B . -3.74 4.38 -3.47
CMD HEM B . -7.56 4.20 -3.11
CAD HEM B . -5.32 4.93 -5.54
CBD HEM B . -5.35 6.47 -5.54
CGD HEM B . -5.69 6.90 -6.95
O1D HEM B . -6.25 8.01 -7.17
O2D HEM B . -5.38 6.14 -7.89
NA HEM B . -1.00 3.97 -2.29
NB HEM B . -0.92 3.20 0.42
NC HEM B . -3.75 3.26 0.66
ND HEM B . -3.90 4.03 -2.14
FE HEM B . -2.40 3.86 -0.75
C3 TMH C . -2.33 -1.68 -2.97
C2 TMH C . -2.64 -0.99 -4.15
C1 TMH C . -2.67 -1.71 -5.32
C6 TMH C . -1.41 -2.69 -5.57
C5 TMH C . -2.17 -3.55 -4.42
C4 TMH C . -2.08 -3.04 -3.13
C7 TMH C . -3.47 -3.12 -5.29
C8 TMH C . -3.42 -3.78 -6.69
C9 TMH C . -4.85 -2.87 -4.71
C10 TMH C . -2.92 0.37 -4.12
C7 CM5 D . 11.92 -10.92 -16.24
C8 CM5 D . 10.68 -10.65 -15.42
C9 CM5 D . 10.96 -10.90 -13.96
C10 CM5 D . 11.28 -12.35 -13.73
C11 CM5 D . 11.91 -13.02 -14.91
C6 CM5 D . 12.76 -12.07 -15.73
C5 CM5 D . 13.32 -12.81 -16.94
C4 CM5 D . 14.79 -12.58 -17.26
C3 CM5 D . 15.50 -13.90 -17.54
C2 CM5 D . 16.38 -13.84 -18.77
C1 CM5 D . 17.72 -13.24 -18.42
O12 CM5 D . 18.81 -14.12 -18.69
C13 CM5 D . 19.44 -13.84 -19.95
C18 CM5 D . 20.96 -13.98 -19.91
O22 CM5 D . 21.67 -12.84 -19.40
C17 CM5 D . 21.40 -14.22 -21.31
O21 CM5 D . 22.78 -13.92 -21.51
O14 CM5 D . 19.01 -14.75 -20.94
C15 CM5 D . 19.75 -15.97 -21.11
C19 CM5 D . 19.69 -16.85 -19.88
O20 CM5 D . 20.63 -17.91 -20.03
C16 CM5 D . 21.21 -15.70 -21.37
O23 CM5 D . 21.73 -16.18 -22.59
C7 CM5 E . 6.49 -17.25 -23.29
C8 CM5 E . 6.79 -17.69 -21.86
C9 CM5 E . 8.22 -17.48 -21.46
C10 CM5 E . 8.53 -16.04 -21.74
C11 CM5 E . 8.43 -15.79 -23.22
C6 CM5 E . 7.00 -15.89 -23.67
C5 CM5 E . 6.99 -15.81 -25.19
C4 CM5 E . 5.71 -15.25 -25.75
C3 CM5 E . 6.04 -13.99 -26.54
C2 CM5 E . 5.14 -13.78 -27.72
C1 CM5 E . 3.77 -13.24 -27.38
O12 CM5 E . 3.21 -12.77 -28.59
C13 CM5 E . 2.24 -11.74 -28.49
C18 CM5 E . 1.64 -11.50 -29.86
O22 CM5 E . 2.56 -10.81 -30.70
C17 CM5 E . 0.35 -10.71 -29.86
O21 CM5 E . -0.21 -10.79 -31.18
O14 CM5 E . 1.25 -12.14 -27.54
C15 CM5 E . -0.03 -12.44 -28.08
C19 CM5 E . 0.05 -13.65 -28.99
O20 CM5 E . 1.36 -13.76 -29.52
C16 CM5 E . -0.62 -11.24 -28.81
#